data_3NIZ
#
_entry.id   3NIZ
#
_cell.length_a   64.337
_cell.length_b   64.337
_cell.length_c   200.039
_cell.angle_alpha   90.000
_cell.angle_beta   90.000
_cell.angle_gamma   90.000
#
_symmetry.space_group_name_H-M   'P 43 21 2'
#
loop_
_entity.id
_entity.type
_entity.pdbx_description
1 polymer 'Rhodanese family protein'
2 non-polymer 'MAGNESIUM ION'
3 non-polymer "ADENOSINE-5'-DIPHOSPHATE"
4 water water
#
_entity_poly.entity_id   1
_entity_poly.type   'polypeptide(L)'
_entity_poly.pdbx_seq_one_letter_code
;MHHHHHHSSGRENLYFQGLMEKYQKLEKVGEGTYGVVYKAKDSQGRIVALKRIRLDAEDEGIPSTAIREISLLKELHHPN
IVSLIDVIHSERCLTLVFEFMEKDLKKVLDENKTGLQDSQIKIYLYQLLRGVAHCHQHRILHRDLKPQNLLINSDGALKL
ADFGLARAFGIPVRSYTHEVVTLWYRAPDVLMGSKKYSTSVDIWSIGCIFAEMITGKPLFPGVTDDDQLPKIFSILGTPN
PREWPQVQELPLWKQRTFQVFEKKPWSSIIPGFCQEGIDLLSNMLCFDPNKRISARDAMNHPYFKDLDPQI
;
_entity_poly.pdbx_strand_id   A
#
# COMPACT_ATOMS: atom_id res chain seq x y z
N TYR A 15 -0.26 21.95 23.54
CA TYR A 15 0.69 21.06 24.21
C TYR A 15 0.08 19.69 24.60
N PHE A 16 0.82 18.60 24.35
CA PHE A 16 0.37 17.23 24.66
C PHE A 16 1.49 16.39 25.30
N GLN A 17 1.19 15.73 26.44
CA GLN A 17 2.15 14.90 27.18
C GLN A 17 2.02 13.41 26.85
N GLY A 18 3.11 12.85 26.35
CA GLY A 18 3.20 11.44 26.01
C GLY A 18 3.81 10.63 27.12
N LEU A 19 4.40 9.50 26.75
CA LEU A 19 5.09 8.61 27.69
C LEU A 19 6.57 8.91 27.63
N MET A 20 7.01 9.46 26.48
CA MET A 20 8.39 9.76 26.14
C MET A 20 8.79 11.22 26.23
N GLU A 21 7.91 12.13 25.76
CA GLU A 21 8.17 13.55 25.63
C GLU A 21 6.89 14.38 25.61
N LYS A 22 7.06 15.73 25.56
CA LYS A 22 5.96 16.70 25.50
C LYS A 22 5.98 17.32 24.10
N TYR A 23 4.81 17.45 23.48
CA TYR A 23 4.70 17.91 22.10
C TYR A 23 3.86 19.15 21.91
N GLN A 24 4.42 20.11 21.16
CA GLN A 24 3.77 21.38 20.85
C GLN A 24 3.15 21.28 19.46
N LYS A 25 1.80 21.38 19.38
CA LYS A 25 1.02 21.32 18.14
C LYS A 25 1.35 22.49 17.22
N LEU A 26 1.67 22.19 15.94
CA LEU A 26 1.98 23.17 14.91
C LEU A 26 0.88 23.12 13.82
N GLU A 27 1.25 23.15 12.52
CA GLU A 27 0.26 23.13 11.43
C GLU A 27 -0.32 21.76 11.09
N LYS A 28 -1.55 21.74 10.57
CA LYS A 28 -2.26 20.55 10.09
C LYS A 28 -1.57 20.14 8.78
N VAL A 29 -0.94 18.97 8.75
CA VAL A 29 -0.19 18.44 7.62
C VAL A 29 -0.94 17.28 6.89
N GLY A 30 -2.10 16.91 7.43
CA GLY A 30 -2.95 15.86 6.89
C GLY A 30 -4.31 15.82 7.55
N GLU A 31 -5.18 14.94 7.03
CA GLU A 31 -6.52 14.74 7.58
C GLU A 31 -6.86 13.25 7.47
N GLY A 32 -7.89 12.84 8.21
CA GLY A 32 -8.34 11.46 8.22
C GLY A 32 -9.76 11.24 8.67
N THR A 33 -10.22 9.98 8.52
CA THR A 33 -11.56 9.51 8.87
C THR A 33 -11.90 9.74 10.35
N TYR A 34 -10.93 9.52 11.26
CA TYR A 34 -11.15 9.65 12.70
C TYR A 34 -10.51 10.85 13.37
N GLY A 35 -9.63 11.53 12.64
CA GLY A 35 -8.96 12.71 13.14
C GLY A 35 -8.04 13.40 12.18
N VAL A 36 -7.32 14.40 12.69
CA VAL A 36 -6.42 15.23 11.93
C VAL A 36 -4.95 14.98 12.30
N VAL A 37 -4.08 14.96 11.27
CA VAL A 37 -2.65 14.83 11.44
C VAL A 37 -2.04 16.23 11.45
N TYR A 38 -1.24 16.52 12.48
CA TYR A 38 -0.59 17.80 12.70
C TYR A 38 0.90 17.64 12.76
N LYS A 39 1.63 18.70 12.41
CA LYS A 39 3.07 18.77 12.57
C LYS A 39 3.23 19.18 14.05
N ALA A 40 4.31 18.75 14.69
CA ALA A 40 4.54 19.07 16.09
C ALA A 40 6.01 19.09 16.42
N LYS A 41 6.33 19.71 17.57
CA LYS A 41 7.70 19.88 18.04
C LYS A 41 7.90 19.29 19.42
N ASP A 42 9.08 18.74 19.63
CA ASP A 42 9.58 18.18 20.88
C ASP A 42 9.97 19.35 21.77
N SER A 43 10.16 19.08 23.07
CA SER A 43 10.66 20.07 24.02
C SER A 43 12.11 20.40 23.61
N GLN A 44 12.84 19.35 23.15
CA GLN A 44 14.23 19.44 22.69
C GLN A 44 14.36 19.92 21.21
N GLY A 45 13.23 20.24 20.56
CA GLY A 45 13.19 20.78 19.20
C GLY A 45 12.88 19.83 18.05
N ARG A 46 13.04 18.49 18.23
CA ARG A 46 12.78 17.49 17.19
C ARG A 46 11.33 17.47 16.67
N ILE A 47 11.15 17.58 15.34
CA ILE A 47 9.85 17.62 14.66
C ILE A 47 9.30 16.19 14.57
N VAL A 48 7.97 16.07 14.71
CA VAL A 48 7.21 14.84 14.74
C VAL A 48 5.83 15.09 14.10
N ALA A 49 5.00 14.01 14.00
CA ALA A 49 3.64 14.05 13.50
C ALA A 49 2.72 13.53 14.58
N LEU A 50 1.56 14.15 14.74
CA LEU A 50 0.58 13.72 15.70
C LEU A 50 -0.65 13.30 14.94
N LYS A 51 -1.02 12.01 15.03
CA LYS A 51 -2.21 11.51 14.37
C LYS A 51 -3.24 11.32 15.46
N ARG A 52 -4.28 12.19 15.48
CA ARG A 52 -5.34 12.20 16.48
C ARG A 52 -6.48 11.26 16.08
N ILE A 53 -6.91 10.35 16.99
CA ILE A 53 -7.99 9.37 16.77
C ILE A 53 -9.13 9.63 17.77
N ARG A 54 -10.35 9.88 17.26
CA ARG A 54 -11.56 10.17 18.06
C ARG A 54 -11.93 9.04 19.03
N GLY A 61 -15.97 1.62 19.55
CA GLY A 61 -15.47 0.70 18.54
C GLY A 61 -14.19 1.14 17.85
N ILE A 62 -14.01 2.46 17.68
CA ILE A 62 -12.82 3.07 17.07
C ILE A 62 -11.54 2.87 17.91
N PRO A 63 -11.56 2.93 19.30
CA PRO A 63 -10.30 2.73 20.05
C PRO A 63 -9.61 1.38 19.81
N SER A 64 -10.39 0.33 19.52
CA SER A 64 -9.87 -1.02 19.24
C SER A 64 -8.99 -1.00 17.97
N THR A 65 -9.45 -0.28 16.92
CA THR A 65 -8.74 -0.14 15.63
C THR A 65 -7.37 0.54 15.83
N ALA A 66 -7.33 1.61 16.67
CA ALA A 66 -6.10 2.35 16.99
C ALA A 66 -5.12 1.50 17.80
N ILE A 67 -5.64 0.67 18.75
CA ILE A 67 -4.84 -0.22 19.58
C ILE A 67 -4.15 -1.25 18.73
N ARG A 68 -4.89 -1.86 17.78
CA ARG A 68 -4.37 -2.83 16.80
C ARG A 68 -3.24 -2.14 16.04
N GLU A 69 -3.54 -0.96 15.45
CA GLU A 69 -2.57 -0.19 14.68
C GLU A 69 -1.24 0.03 15.43
N ILE A 70 -1.32 0.47 16.72
CA ILE A 70 -0.14 0.71 17.58
C ILE A 70 0.64 -0.59 17.81
N SER A 71 -0.06 -1.71 18.12
CA SER A 71 0.58 -2.99 18.38
C SER A 71 1.35 -3.52 17.17
N LEU A 72 0.81 -3.31 15.96
CA LEU A 72 1.44 -3.72 14.71
C LEU A 72 2.62 -2.83 14.40
N LEU A 73 2.47 -1.50 14.61
CA LEU A 73 3.55 -0.54 14.38
C LEU A 73 4.72 -0.79 15.31
N LYS A 74 4.43 -1.21 16.56
CA LYS A 74 5.51 -1.50 17.51
C LYS A 74 6.34 -2.75 17.18
N GLU A 75 5.82 -3.63 16.30
CA GLU A 75 6.51 -4.84 15.81
C GLU A 75 7.35 -4.53 14.54
N LEU A 76 7.05 -3.41 13.87
CA LEU A 76 7.66 -3.03 12.61
C LEU A 76 8.64 -1.85 12.72
N HIS A 77 9.91 -2.18 12.90
CA HIS A 77 11.01 -1.22 12.99
C HIS A 77 11.90 -1.39 11.79
N HIS A 78 11.72 -0.51 10.80
CA HIS A 78 12.44 -0.59 9.53
C HIS A 78 12.51 0.78 8.89
N PRO A 79 13.58 1.10 8.12
CA PRO A 79 13.65 2.41 7.44
C PRO A 79 12.51 2.68 6.46
N ASN A 80 11.85 1.61 5.95
CA ASN A 80 10.74 1.75 5.02
C ASN A 80 9.37 1.64 5.59
N ILE A 81 9.30 1.72 6.93
CA ILE A 81 8.03 1.71 7.66
C ILE A 81 8.03 2.90 8.61
N VAL A 82 6.97 3.73 8.55
CA VAL A 82 6.80 4.88 9.43
C VAL A 82 6.97 4.46 10.90
N SER A 83 7.87 5.15 11.60
CA SER A 83 8.21 4.87 12.99
C SER A 83 7.24 5.50 13.97
N LEU A 84 6.69 4.68 14.88
CA LEU A 84 5.79 5.15 15.91
C LEU A 84 6.69 5.35 17.11
N ILE A 85 6.73 6.59 17.63
CA ILE A 85 7.65 6.91 18.72
C ILE A 85 7.03 7.07 20.10
N ASP A 86 5.73 7.32 20.14
CA ASP A 86 5.01 7.58 21.37
C ASP A 86 3.54 7.55 21.12
N VAL A 87 2.76 7.51 22.20
CA VAL A 87 1.29 7.50 22.19
C VAL A 87 0.82 8.46 23.30
N ILE A 88 -0.17 9.29 22.99
CA ILE A 88 -0.73 10.18 24.00
C ILE A 88 -2.14 9.66 24.25
N HIS A 89 -2.46 9.31 25.49
CA HIS A 89 -3.80 8.86 25.81
C HIS A 89 -4.59 10.04 26.45
N SER A 90 -5.82 10.24 26.00
CA SER A 90 -6.73 11.25 26.51
C SER A 90 -8.07 10.60 26.51
N GLU A 91 -8.93 11.00 27.46
CA GLU A 91 -10.29 10.43 27.57
C GLU A 91 -11.00 10.61 26.22
N ARG A 92 -10.80 11.81 25.63
CA ARG A 92 -11.35 12.23 24.35
C ARG A 92 -10.67 11.54 23.17
N CYS A 93 -9.32 11.70 23.02
CA CYS A 93 -8.64 11.11 21.87
C CYS A 93 -7.25 10.43 22.04
N LEU A 94 -7.04 9.36 21.27
CA LEU A 94 -5.80 8.60 21.21
C LEU A 94 -4.91 9.23 20.14
N THR A 95 -3.75 9.75 20.53
CA THR A 95 -2.82 10.42 19.63
C THR A 95 -1.58 9.58 19.37
N LEU A 96 -1.31 9.30 18.09
CA LEU A 96 -0.14 8.52 17.67
C LEU A 96 0.97 9.48 17.31
N VAL A 97 2.15 9.23 17.82
CA VAL A 97 3.29 10.10 17.60
C VAL A 97 4.24 9.42 16.66
N PHE A 98 4.37 9.97 15.45
CA PHE A 98 5.25 9.43 14.41
C PHE A 98 6.41 10.34 14.07
N GLU A 99 7.43 9.80 13.40
CA GLU A 99 8.53 10.56 12.82
C GLU A 99 7.84 11.40 11.72
N PHE A 100 8.33 12.61 11.49
CA PHE A 100 7.70 13.46 10.49
C PHE A 100 8.10 13.09 9.07
N MET A 101 7.12 13.21 8.15
CA MET A 101 7.31 12.97 6.70
C MET A 101 6.65 14.14 5.98
N GLU A 102 7.42 14.88 5.16
CA GLU A 102 6.94 16.07 4.41
C GLU A 102 5.72 15.85 3.51
N LYS A 103 5.73 14.73 2.74
CA LYS A 103 4.69 14.41 1.74
C LYS A 103 4.26 12.94 1.75
N ASP A 104 3.37 12.62 0.80
CA ASP A 104 2.93 11.27 0.49
C ASP A 104 2.96 11.09 -1.05
N LEU A 105 2.87 9.83 -1.54
CA LEU A 105 2.92 9.52 -2.98
C LEU A 105 1.75 10.05 -3.78
N LYS A 106 0.56 10.23 -3.16
CA LYS A 106 -0.61 10.80 -3.85
C LYS A 106 -0.29 12.26 -4.26
N LYS A 107 0.37 13.01 -3.36
CA LYS A 107 0.79 14.40 -3.52
C LYS A 107 1.88 14.50 -4.60
N VAL A 108 2.77 13.48 -4.64
CA VAL A 108 3.83 13.43 -5.64
C VAL A 108 3.20 13.16 -7.03
N LEU A 109 2.22 12.25 -7.10
CA LEU A 109 1.54 11.93 -8.35
C LEU A 109 0.70 13.11 -8.86
N ASP A 110 0.18 13.95 -7.93
CA ASP A 110 -0.59 15.14 -8.28
C ASP A 110 0.25 16.20 -9.03
N GLU A 111 1.59 16.26 -8.75
CA GLU A 111 2.57 17.14 -9.38
C GLU A 111 3.14 16.51 -10.67
N ASN A 112 2.82 15.23 -10.94
CA ASN A 112 3.32 14.51 -12.13
C ASN A 112 2.20 13.72 -12.80
N LYS A 113 1.20 14.44 -13.34
CA LYS A 113 0.03 13.83 -13.98
C LYS A 113 0.32 12.86 -15.14
N THR A 114 1.57 12.83 -15.67
CA THR A 114 1.97 11.90 -16.73
C THR A 114 3.11 10.92 -16.30
N GLY A 115 3.21 10.70 -15.00
CA GLY A 115 4.17 9.75 -14.45
C GLY A 115 5.45 10.35 -13.94
N LEU A 116 6.24 9.51 -13.29
CA LEU A 116 7.51 9.88 -12.71
C LEU A 116 8.64 9.54 -13.63
N GLN A 117 9.80 10.07 -13.31
CA GLN A 117 11.07 9.86 -13.96
C GLN A 117 11.39 8.41 -13.65
N ASP A 118 11.94 7.68 -14.62
CA ASP A 118 12.28 6.26 -14.54
C ASP A 118 13.16 5.87 -13.36
N SER A 119 14.17 6.70 -13.03
CA SER A 119 15.07 6.44 -11.91
C SER A 119 14.33 6.51 -10.56
N GLN A 120 13.34 7.43 -10.46
CA GLN A 120 12.51 7.63 -9.27
C GLN A 120 11.49 6.49 -9.06
N ILE A 121 10.86 6.00 -10.15
CA ILE A 121 9.95 4.86 -10.14
C ILE A 121 10.74 3.69 -9.54
N LYS A 122 11.98 3.49 -10.03
CA LYS A 122 12.86 2.43 -9.57
C LYS A 122 13.20 2.55 -8.09
N ILE A 123 13.48 3.79 -7.61
CA ILE A 123 13.84 4.05 -6.21
C ILE A 123 12.67 3.80 -5.29
N TYR A 124 11.50 4.39 -5.60
CA TYR A 124 10.29 4.29 -4.84
C TYR A 124 9.76 2.84 -4.79
N LEU A 125 9.80 2.13 -5.94
CA LEU A 125 9.35 0.75 -5.99
C LEU A 125 10.21 -0.15 -5.14
N TYR A 126 11.53 0.02 -5.20
CA TYR A 126 12.44 -0.79 -4.39
C TYR A 126 12.19 -0.65 -2.86
N GLN A 127 11.90 0.57 -2.43
CA GLN A 127 11.68 0.89 -1.02
C GLN A 127 10.32 0.37 -0.56
N LEU A 128 9.32 0.47 -1.45
CA LEU A 128 7.97 -0.02 -1.22
C LEU A 128 8.06 -1.58 -1.03
N LEU A 129 8.81 -2.25 -1.90
CA LEU A 129 9.02 -3.69 -1.82
C LEU A 129 9.75 -4.08 -0.56
N ARG A 130 10.81 -3.36 -0.21
CA ARG A 130 11.60 -3.63 0.99
C ARG A 130 10.82 -3.50 2.29
N GLY A 131 9.97 -2.47 2.41
CA GLY A 131 9.13 -2.27 3.58
C GLY A 131 8.11 -3.40 3.73
N VAL A 132 7.49 -3.79 2.60
CA VAL A 132 6.50 -4.87 2.51
C VAL A 132 7.19 -6.23 2.80
N ALA A 133 8.39 -6.46 2.24
CA ALA A 133 9.13 -7.68 2.54
C ALA A 133 9.36 -7.80 4.04
N HIS A 134 9.70 -6.68 4.74
CA HIS A 134 9.90 -6.66 6.20
C HIS A 134 8.62 -7.07 6.91
N CYS A 135 7.48 -6.50 6.51
CA CYS A 135 6.14 -6.80 7.01
C CYS A 135 5.88 -8.31 6.92
N HIS A 136 5.95 -8.83 5.70
CA HIS A 136 5.74 -10.23 5.33
C HIS A 136 6.63 -11.21 6.14
N GLN A 137 7.91 -10.87 6.33
CA GLN A 137 8.90 -11.59 7.15
C GLN A 137 8.44 -11.62 8.64
N HIS A 138 7.74 -10.55 9.09
CA HIS A 138 7.22 -10.41 10.45
C HIS A 138 5.77 -10.85 10.54
N ARG A 139 5.29 -11.57 9.51
CA ARG A 139 3.95 -12.16 9.42
C ARG A 139 2.82 -11.15 9.59
N ILE A 140 2.97 -9.99 8.95
CA ILE A 140 1.96 -8.92 8.92
C ILE A 140 1.72 -8.54 7.47
N LEU A 141 0.44 -8.42 7.07
CA LEU A 141 0.06 -7.95 5.74
C LEU A 141 -0.47 -6.52 5.87
N HIS A 142 -0.06 -5.60 4.99
CA HIS A 142 -0.54 -4.21 5.06
C HIS A 142 -2.02 -4.15 4.70
N ARG A 143 -2.38 -4.70 3.51
CA ARG A 143 -3.77 -4.78 2.99
C ARG A 143 -4.41 -3.49 2.50
N ASP A 144 -3.75 -2.34 2.66
CA ASP A 144 -4.28 -1.06 2.20
C ASP A 144 -3.18 -0.20 1.58
N LEU A 145 -2.34 -0.81 0.73
CA LEU A 145 -1.26 -0.07 0.06
C LEU A 145 -1.88 0.70 -1.09
N LYS A 146 -1.65 2.01 -1.10
CA LYS A 146 -2.14 2.98 -2.07
C LYS A 146 -1.29 4.23 -1.90
N PRO A 147 -1.12 5.08 -2.96
CA PRO A 147 -0.19 6.23 -2.85
C PRO A 147 -0.34 7.15 -1.63
N GLN A 148 -1.58 7.49 -1.24
CA GLN A 148 -1.81 8.32 -0.03
C GLN A 148 -1.27 7.67 1.28
N ASN A 149 -1.15 6.30 1.34
CA ASN A 149 -0.61 5.60 2.53
C ASN A 149 0.88 5.34 2.40
N LEU A 150 1.49 5.86 1.33
CA LEU A 150 2.94 5.75 1.13
C LEU A 150 3.55 7.15 1.38
N LEU A 151 4.17 7.32 2.54
CA LEU A 151 4.78 8.59 2.94
C LEU A 151 6.17 8.76 2.41
N ILE A 152 6.51 10.00 2.02
CA ILE A 152 7.83 10.41 1.49
C ILE A 152 8.29 11.65 2.25
N ASN A 153 9.52 11.59 2.83
CA ASN A 153 10.09 12.67 3.62
C ASN A 153 10.80 13.69 2.73
N SER A 154 11.54 14.61 3.37
CA SER A 154 12.31 15.67 2.74
C SER A 154 13.64 15.18 2.07
N ASP A 155 13.91 13.85 2.11
CA ASP A 155 15.09 13.21 1.52
C ASP A 155 14.74 12.16 0.43
N GLY A 156 13.44 11.99 0.15
CA GLY A 156 12.94 11.05 -0.85
C GLY A 156 12.79 9.60 -0.41
N ALA A 157 12.79 9.37 0.91
CA ALA A 157 12.65 8.03 1.48
C ALA A 157 11.19 7.68 1.51
N LEU A 158 10.84 6.56 0.91
CA LEU A 158 9.47 6.07 0.84
C LEU A 158 9.30 5.18 2.09
N LYS A 159 8.20 5.38 2.83
CA LYS A 159 7.86 4.59 4.02
C LYS A 159 6.39 4.23 4.03
N LEU A 160 6.07 2.96 4.47
CA LEU A 160 4.69 2.48 4.61
C LEU A 160 4.09 3.11 5.82
N ALA A 161 2.80 3.42 5.74
CA ALA A 161 2.04 4.03 6.81
C ALA A 161 0.60 3.54 6.73
N ASP A 162 -0.20 3.87 7.76
CA ASP A 162 -1.60 3.51 7.91
C ASP A 162 -1.79 1.97 8.00
N PHE A 163 -1.46 1.40 9.17
CA PHE A 163 -1.59 -0.03 9.43
C PHE A 163 -2.96 -0.40 10.00
N GLY A 164 -3.96 0.43 9.69
CA GLY A 164 -5.35 0.35 10.16
C GLY A 164 -6.11 -0.89 9.73
N LEU A 165 -5.72 -1.46 8.59
CA LEU A 165 -6.32 -2.66 8.02
C LEU A 165 -5.33 -3.81 8.00
N ALA A 166 -4.15 -3.61 8.61
CA ALA A 166 -3.12 -4.66 8.65
C ALA A 166 -3.59 -5.94 9.39
N ARG A 167 -3.09 -7.08 8.94
CA ARG A 167 -3.46 -8.41 9.41
C ARG A 167 -2.26 -9.18 9.87
N ALA A 168 -2.18 -9.47 11.17
CA ALA A 168 -1.09 -10.30 11.72
C ALA A 168 -1.52 -11.78 11.53
N PHE A 169 -0.58 -12.64 11.16
CA PHE A 169 -0.85 -14.04 10.91
C PHE A 169 -1.35 -14.76 12.18
N GLY A 170 -2.51 -15.41 12.06
CA GLY A 170 -3.12 -16.18 13.14
C GLY A 170 -4.12 -15.42 13.97
N ILE A 171 -4.19 -14.08 13.77
CA ILE A 171 -5.11 -13.18 14.49
C ILE A 171 -6.30 -12.89 13.60
N PRO A 172 -7.52 -13.15 14.11
CA PRO A 172 -8.73 -12.92 13.31
C PRO A 172 -9.03 -11.46 12.96
N VAL A 173 -9.55 -11.23 11.75
CA VAL A 173 -9.95 -9.93 11.22
C VAL A 173 -11.25 -9.50 11.96
N ARG A 174 -11.32 -8.21 12.38
CA ARG A 174 -12.47 -7.61 13.06
C ARG A 174 -13.21 -6.64 12.13
N HIS A 178 -16.09 -0.48 10.16
CA HIS A 178 -15.97 -0.51 8.71
C HIS A 178 -16.14 0.88 8.08
N GLU A 179 -15.14 1.32 7.29
CA GLU A 179 -15.11 2.61 6.60
C GLU A 179 -15.12 2.38 5.08
N VAL A 180 -15.80 3.28 4.33
CA VAL A 180 -15.89 3.21 2.87
C VAL A 180 -14.57 3.66 2.23
N VAL A 181 -13.80 2.69 1.71
CA VAL A 181 -12.50 2.93 1.06
C VAL A 181 -12.46 2.47 -0.39
N THR A 182 -11.51 3.03 -1.17
CA THR A 182 -11.29 2.70 -2.58
C THR A 182 -10.84 1.23 -2.75
N LEU A 183 -11.38 0.55 -3.79
CA LEU A 183 -11.04 -0.85 -4.06
C LEU A 183 -10.07 -0.94 -5.23
N TRP A 184 -9.49 0.21 -5.63
CA TRP A 184 -8.59 0.34 -6.79
C TRP A 184 -7.27 -0.43 -6.73
N TYR A 185 -6.83 -0.83 -5.52
CA TYR A 185 -5.56 -1.52 -5.30
C TYR A 185 -5.77 -2.90 -4.70
N ARG A 186 -7.04 -3.34 -4.65
CA ARG A 186 -7.42 -4.64 -4.07
C ARG A 186 -7.34 -5.79 -5.08
N ALA A 187 -6.71 -6.89 -4.66
CA ALA A 187 -6.50 -8.11 -5.45
C ALA A 187 -7.80 -8.74 -5.95
N PRO A 188 -7.86 -9.24 -7.21
CA PRO A 188 -9.12 -9.77 -7.72
C PRO A 188 -9.73 -10.91 -6.89
N ASP A 189 -8.90 -11.80 -6.33
CA ASP A 189 -9.39 -12.91 -5.50
C ASP A 189 -10.01 -12.40 -4.21
N VAL A 190 -9.48 -11.28 -3.64
CA VAL A 190 -10.07 -10.68 -2.44
C VAL A 190 -11.43 -10.05 -2.81
N LEU A 191 -11.52 -9.35 -3.96
CA LEU A 191 -12.77 -8.75 -4.43
C LEU A 191 -13.83 -9.81 -4.75
N MET A 192 -13.38 -11.05 -5.01
CA MET A 192 -14.22 -12.21 -5.31
C MET A 192 -14.57 -13.02 -4.05
N GLY A 193 -14.31 -12.44 -2.88
CA GLY A 193 -14.64 -13.05 -1.60
C GLY A 193 -13.61 -13.89 -0.88
N SER A 194 -12.36 -14.00 -1.38
CA SER A 194 -11.33 -14.76 -0.67
C SER A 194 -11.04 -14.09 0.67
N LYS A 195 -10.90 -14.89 1.73
CA LYS A 195 -10.67 -14.39 3.08
C LYS A 195 -9.39 -14.96 3.70
N LYS A 196 -8.71 -15.84 2.96
CA LYS A 196 -7.48 -16.50 3.37
C LYS A 196 -6.30 -15.51 3.47
N TYR A 197 -5.35 -15.79 4.38
CA TYR A 197 -4.15 -15.00 4.61
C TYR A 197 -3.19 -15.29 3.48
N SER A 198 -2.79 -14.24 2.75
CA SER A 198 -1.85 -14.38 1.65
C SER A 198 -1.02 -13.12 1.48
N THR A 199 0.31 -13.27 1.41
CA THR A 199 1.23 -12.16 1.18
C THR A 199 0.98 -11.56 -0.20
N SER A 200 0.34 -12.35 -1.10
CA SER A 200 0.01 -12.01 -2.48
C SER A 200 -0.87 -10.80 -2.63
N VAL A 201 -1.74 -10.57 -1.67
CA VAL A 201 -2.68 -9.44 -1.69
C VAL A 201 -1.95 -8.06 -1.73
N ASP A 202 -0.77 -7.96 -1.11
CA ASP A 202 0.02 -6.73 -1.05
C ASP A 202 0.76 -6.50 -2.34
N ILE A 203 1.25 -7.59 -2.97
CA ILE A 203 1.99 -7.53 -4.23
C ILE A 203 1.11 -7.03 -5.35
N TRP A 204 -0.19 -7.36 -5.32
CA TRP A 204 -1.14 -6.86 -6.30
C TRP A 204 -1.17 -5.33 -6.23
N SER A 205 -1.34 -4.79 -5.02
CA SER A 205 -1.42 -3.35 -4.74
C SER A 205 -0.14 -2.67 -5.23
N ILE A 206 1.02 -3.30 -5.03
CA ILE A 206 2.32 -2.80 -5.45
C ILE A 206 2.34 -2.68 -6.98
N GLY A 207 1.82 -3.71 -7.67
CA GLY A 207 1.68 -3.72 -9.12
C GLY A 207 0.86 -2.53 -9.58
N CYS A 208 -0.31 -2.31 -8.97
CA CYS A 208 -1.18 -1.16 -9.26
C CYS A 208 -0.41 0.16 -9.05
N ILE A 209 0.41 0.24 -7.98
CA ILE A 209 1.18 1.45 -7.66
C ILE A 209 2.30 1.66 -8.68
N PHE A 210 3.03 0.59 -9.03
CA PHE A 210 4.12 0.56 -10.02
C PHE A 210 3.60 1.15 -11.35
N ALA A 211 2.44 0.65 -11.83
CA ALA A 211 1.79 1.12 -13.06
C ALA A 211 1.34 2.60 -12.96
N GLU A 212 0.87 3.02 -11.78
CA GLU A 212 0.43 4.38 -11.49
C GLU A 212 1.64 5.35 -11.55
N MET A 213 2.81 4.93 -11.06
CA MET A 213 4.03 5.74 -11.09
C MET A 213 4.55 5.88 -12.53
N ILE A 214 4.21 4.92 -13.41
CA ILE A 214 4.65 4.94 -14.80
C ILE A 214 3.80 5.92 -15.62
N THR A 215 2.49 5.85 -15.50
CA THR A 215 1.58 6.70 -16.26
C THR A 215 1.12 7.98 -15.53
N GLY A 216 1.18 7.98 -14.20
CA GLY A 216 0.69 9.05 -13.35
C GLY A 216 -0.78 8.87 -13.04
N LYS A 217 -1.42 7.87 -13.69
CA LYS A 217 -2.85 7.56 -13.56
C LYS A 217 -3.14 6.17 -12.94
N PRO A 218 -4.22 6.03 -12.14
CA PRO A 218 -4.55 4.71 -11.57
C PRO A 218 -4.85 3.67 -12.64
N LEU A 219 -4.27 2.48 -12.48
CA LEU A 219 -4.40 1.37 -13.41
C LEU A 219 -5.82 0.83 -13.54
N PHE A 220 -6.50 0.60 -12.40
CA PHE A 220 -7.89 0.07 -12.39
C PHE A 220 -8.91 0.98 -11.66
N PRO A 221 -9.22 2.19 -12.22
CA PRO A 221 -10.20 3.07 -11.54
C PRO A 221 -11.66 2.82 -11.88
N GLY A 222 -12.19 1.73 -11.33
CA GLY A 222 -13.60 1.33 -11.48
C GLY A 222 -14.54 2.39 -10.95
N VAL A 223 -15.61 2.70 -11.70
CA VAL A 223 -16.59 3.76 -11.37
C VAL A 223 -17.41 3.53 -10.10
N THR A 224 -17.65 2.28 -9.76
CA THR A 224 -18.37 1.84 -8.57
C THR A 224 -17.59 0.65 -8.05
N ASP A 225 -17.95 0.16 -6.84
CA ASP A 225 -17.36 -1.03 -6.26
C ASP A 225 -17.67 -2.24 -7.16
N ASP A 226 -18.86 -2.21 -7.80
CA ASP A 226 -19.36 -3.23 -8.73
C ASP A 226 -18.56 -3.26 -10.04
N ASP A 227 -18.16 -2.09 -10.55
CA ASP A 227 -17.35 -1.99 -11.77
C ASP A 227 -15.91 -2.50 -11.61
N GLN A 228 -15.40 -2.61 -10.35
CA GLN A 228 -14.02 -3.02 -10.05
C GLN A 228 -13.47 -4.25 -10.76
N LEU A 229 -14.13 -5.41 -10.60
CA LEU A 229 -13.69 -6.62 -11.30
C LEU A 229 -13.81 -6.47 -12.83
N PRO A 230 -14.96 -6.01 -13.42
CA PRO A 230 -14.99 -5.77 -14.88
C PRO A 230 -13.93 -4.80 -15.38
N LYS A 231 -13.52 -3.81 -14.58
CA LYS A 231 -12.45 -2.86 -14.95
C LYS A 231 -11.08 -3.59 -15.00
N ILE A 232 -10.76 -4.44 -13.98
CA ILE A 232 -9.50 -5.23 -13.95
C ILE A 232 -9.47 -6.11 -15.19
N PHE A 233 -10.53 -6.92 -15.38
CA PHE A 233 -10.73 -7.86 -16.47
C PHE A 233 -10.68 -7.21 -17.85
N SER A 234 -11.20 -5.98 -17.99
CA SER A 234 -11.15 -5.23 -19.25
C SER A 234 -9.73 -4.90 -19.72
N ILE A 235 -8.77 -4.92 -18.80
CA ILE A 235 -7.37 -4.60 -19.04
C ILE A 235 -6.49 -5.83 -19.09
N LEU A 236 -6.59 -6.71 -18.09
CA LEU A 236 -5.75 -7.92 -18.00
C LEU A 236 -6.40 -9.20 -18.54
N GLY A 237 -7.65 -9.07 -18.99
CA GLY A 237 -8.44 -10.17 -19.50
C GLY A 237 -9.28 -10.81 -18.41
N THR A 238 -10.37 -11.51 -18.79
CA THR A 238 -11.19 -12.22 -17.82
C THR A 238 -10.42 -13.48 -17.43
N PRO A 239 -10.27 -13.85 -16.13
CA PRO A 239 -9.51 -15.07 -15.81
C PRO A 239 -10.18 -16.30 -16.39
N ASN A 240 -9.37 -17.28 -16.77
CA ASN A 240 -9.83 -18.52 -17.35
C ASN A 240 -9.69 -19.64 -16.33
N PRO A 241 -10.81 -20.33 -15.99
CA PRO A 241 -10.74 -21.40 -14.98
C PRO A 241 -9.79 -22.56 -15.30
N ARG A 242 -9.44 -22.80 -16.58
CA ARG A 242 -8.48 -23.85 -16.94
C ARG A 242 -7.05 -23.43 -16.56
N GLU A 243 -6.74 -22.11 -16.68
CA GLU A 243 -5.44 -21.53 -16.30
C GLU A 243 -5.32 -21.49 -14.77
N TRP A 244 -6.33 -20.87 -14.11
CA TRP A 244 -6.41 -20.71 -12.65
C TRP A 244 -7.67 -21.46 -12.15
N PRO A 245 -7.58 -22.79 -11.88
CA PRO A 245 -8.78 -23.53 -11.46
C PRO A 245 -9.52 -23.00 -10.23
N GLN A 246 -8.77 -22.45 -9.26
CA GLN A 246 -9.31 -21.93 -8.01
C GLN A 246 -10.24 -20.72 -8.12
N VAL A 247 -10.46 -20.13 -9.34
CA VAL A 247 -11.42 -19.01 -9.49
C VAL A 247 -12.79 -19.50 -9.14
N GLN A 248 -13.16 -20.66 -9.70
CA GLN A 248 -14.46 -21.31 -9.53
C GLN A 248 -14.78 -21.61 -8.07
N GLU A 249 -13.75 -21.85 -7.25
CA GLU A 249 -13.90 -22.11 -5.81
C GLU A 249 -14.28 -20.83 -5.03
N LEU A 250 -14.01 -19.62 -5.59
CA LEU A 250 -14.29 -18.31 -4.97
C LEU A 250 -15.78 -17.96 -4.90
N PRO A 251 -16.25 -17.43 -3.74
CA PRO A 251 -17.68 -17.08 -3.59
C PRO A 251 -18.36 -16.25 -4.69
N LEU A 252 -17.83 -15.07 -5.02
CA LEU A 252 -18.45 -14.19 -6.04
C LEU A 252 -18.45 -14.74 -7.47
N TRP A 253 -17.50 -15.64 -7.80
CA TRP A 253 -17.40 -16.25 -9.13
C TRP A 253 -18.61 -17.18 -9.39
N LYS A 254 -19.10 -17.82 -8.31
CA LYS A 254 -20.25 -18.73 -8.30
C LYS A 254 -21.57 -17.95 -8.46
N GLN A 255 -21.71 -16.81 -7.75
CA GLN A 255 -22.92 -15.99 -7.78
C GLN A 255 -22.90 -14.87 -8.83
N ARG A 256 -21.93 -14.86 -9.76
CA ARG A 256 -21.82 -13.80 -10.77
C ARG A 256 -21.21 -14.28 -12.09
N THR A 257 -21.65 -13.65 -13.21
CA THR A 257 -21.19 -13.89 -14.57
C THR A 257 -20.46 -12.62 -15.04
N PHE A 258 -19.21 -12.77 -15.54
CA PHE A 258 -18.39 -11.64 -16.00
C PHE A 258 -18.16 -11.66 -17.50
N GLN A 259 -18.24 -10.47 -18.15
CA GLN A 259 -17.97 -10.32 -19.59
C GLN A 259 -16.57 -10.85 -19.88
N VAL A 260 -16.44 -11.72 -20.90
CA VAL A 260 -15.15 -12.33 -21.24
C VAL A 260 -14.35 -11.36 -22.08
N PHE A 261 -13.15 -11.00 -21.55
CA PHE A 261 -12.22 -10.08 -22.19
C PHE A 261 -10.91 -10.74 -22.49
N GLU A 262 -10.21 -10.16 -23.47
CA GLU A 262 -8.86 -10.53 -23.84
C GLU A 262 -7.96 -9.49 -23.19
N LYS A 263 -6.77 -9.91 -22.79
CA LYS A 263 -5.74 -9.06 -22.17
C LYS A 263 -5.30 -7.98 -23.14
N LYS A 264 -5.24 -6.72 -22.67
CA LYS A 264 -4.71 -5.62 -23.46
C LYS A 264 -3.17 -5.77 -23.47
N PRO A 265 -2.48 -5.58 -24.61
CA PRO A 265 -1.01 -5.71 -24.60
C PRO A 265 -0.37 -4.69 -23.68
N TRP A 266 0.77 -5.07 -23.05
CA TRP A 266 1.52 -4.20 -22.15
C TRP A 266 1.99 -2.96 -22.89
N SER A 267 2.16 -3.08 -24.25
CA SER A 267 2.54 -2.02 -25.18
C SER A 267 1.48 -0.91 -25.21
N SER A 268 0.23 -1.24 -24.83
CA SER A 268 -0.85 -0.26 -24.79
C SER A 268 -1.12 0.24 -23.35
N ILE A 269 -0.88 -0.63 -22.34
CA ILE A 269 -1.08 -0.33 -20.92
C ILE A 269 -0.03 0.70 -20.48
N ILE A 270 1.25 0.36 -20.63
CA ILE A 270 2.40 1.21 -20.29
C ILE A 270 3.29 1.36 -21.55
N PRO A 271 2.86 2.21 -22.50
CA PRO A 271 3.63 2.35 -23.76
C PRO A 271 5.05 2.85 -23.59
N GLY A 272 6.01 2.11 -24.16
CA GLY A 272 7.42 2.46 -24.17
C GLY A 272 8.24 2.25 -22.91
N PHE A 273 7.66 1.60 -21.88
CA PHE A 273 8.40 1.34 -20.63
C PHE A 273 9.40 0.21 -20.86
N CYS A 274 10.55 0.22 -20.16
CA CYS A 274 11.57 -0.83 -20.34
C CYS A 274 11.03 -2.27 -20.19
N GLN A 275 11.60 -3.20 -20.97
CA GLN A 275 11.17 -4.60 -21.00
C GLN A 275 11.26 -5.29 -19.65
N GLU A 276 12.34 -5.03 -18.87
N GLU A 276 12.33 -4.99 -18.89
CA GLU A 276 12.51 -5.65 -17.56
CA GLU A 276 12.60 -5.56 -17.56
C GLU A 276 11.46 -5.16 -16.54
C GLU A 276 11.53 -5.14 -16.55
N GLY A 277 11.02 -3.91 -16.69
CA GLY A 277 9.97 -3.33 -15.85
C GLY A 277 8.60 -3.92 -16.16
N ILE A 278 8.36 -4.21 -17.46
CA ILE A 278 7.10 -4.82 -17.93
C ILE A 278 7.03 -6.28 -17.38
N ASP A 279 8.14 -7.02 -17.48
CA ASP A 279 8.22 -8.38 -16.97
C ASP A 279 7.90 -8.39 -15.45
N LEU A 280 8.56 -7.51 -14.66
CA LEU A 280 8.31 -7.39 -13.23
C LEU A 280 6.86 -7.06 -12.94
N LEU A 281 6.29 -6.06 -13.61
CA LEU A 281 4.89 -5.68 -13.41
C LEU A 281 3.96 -6.91 -13.71
N SER A 282 4.21 -7.63 -14.83
CA SER A 282 3.42 -8.80 -15.22
C SER A 282 3.43 -9.92 -14.16
N ASN A 283 4.55 -10.12 -13.46
CA ASN A 283 4.66 -11.08 -12.37
C ASN A 283 3.93 -10.63 -11.08
N MET A 284 3.61 -9.33 -10.97
CA MET A 284 2.90 -8.75 -9.81
C MET A 284 1.41 -8.77 -10.08
N LEU A 285 1.03 -8.60 -11.35
CA LEU A 285 -0.37 -8.55 -11.72
C LEU A 285 -0.99 -9.85 -12.25
N CYS A 286 -0.33 -10.98 -12.07
CA CYS A 286 -0.93 -12.25 -12.50
C CYS A 286 -2.09 -12.64 -11.57
N PHE A 287 -3.17 -13.23 -12.12
CA PHE A 287 -4.35 -13.57 -11.33
C PHE A 287 -4.18 -14.60 -10.24
N ASP A 288 -3.41 -15.64 -10.50
CA ASP A 288 -3.22 -16.73 -9.56
C ASP A 288 -2.25 -16.32 -8.46
N PRO A 289 -2.78 -16.14 -7.21
CA PRO A 289 -1.92 -15.76 -6.07
C PRO A 289 -0.72 -16.64 -5.84
N ASN A 290 -0.78 -17.92 -6.22
CA ASN A 290 0.34 -18.86 -6.04
C ASN A 290 1.45 -18.63 -7.08
N LYS A 291 1.14 -17.93 -8.19
CA LYS A 291 2.13 -17.63 -9.24
C LYS A 291 2.78 -16.24 -9.10
N ARG A 292 2.12 -15.33 -8.36
CA ARG A 292 2.57 -13.97 -8.15
C ARG A 292 3.90 -13.91 -7.40
N ILE A 293 4.79 -13.04 -7.89
CA ILE A 293 6.11 -12.82 -7.29
C ILE A 293 5.96 -12.32 -5.85
N SER A 294 6.92 -12.66 -5.01
CA SER A 294 6.98 -12.23 -3.61
C SER A 294 7.75 -10.87 -3.58
N ALA A 295 7.66 -10.12 -2.48
CA ALA A 295 8.36 -8.85 -2.32
C ALA A 295 9.89 -9.04 -2.45
N ARG A 296 10.45 -10.05 -1.77
N ARG A 296 10.42 -10.05 -1.79
CA ARG A 296 11.88 -10.37 -1.80
CA ARG A 296 11.84 -10.46 -1.73
C ARG A 296 12.39 -10.77 -3.19
C ARG A 296 12.40 -10.87 -3.11
N ASP A 297 11.66 -11.66 -3.90
CA ASP A 297 12.07 -12.10 -5.24
C ASP A 297 11.99 -10.92 -6.21
N ALA A 298 10.96 -10.05 -6.06
CA ALA A 298 10.80 -8.83 -6.87
C ALA A 298 12.02 -7.85 -6.68
N MET A 299 12.62 -7.80 -5.48
CA MET A 299 13.77 -6.96 -5.14
C MET A 299 15.01 -7.45 -5.89
N ASN A 300 15.02 -8.74 -6.23
CA ASN A 300 16.11 -9.45 -6.92
C ASN A 300 15.92 -9.59 -8.41
N HIS A 301 14.83 -9.02 -8.93
CA HIS A 301 14.46 -9.04 -10.33
C HIS A 301 15.47 -8.21 -11.17
N PRO A 302 15.77 -8.67 -12.42
CA PRO A 302 16.66 -7.88 -13.31
C PRO A 302 16.33 -6.39 -13.46
N TYR A 303 15.08 -5.98 -13.23
CA TYR A 303 14.68 -4.56 -13.34
C TYR A 303 15.48 -3.64 -12.39
N PHE A 304 15.97 -4.19 -11.25
CA PHE A 304 16.72 -3.52 -10.20
C PHE A 304 18.23 -3.71 -10.28
N LYS A 305 18.71 -4.39 -11.33
CA LYS A 305 20.12 -4.70 -11.62
C LYS A 305 21.06 -3.52 -11.31
N ASP A 306 20.75 -2.36 -11.86
CA ASP A 306 21.54 -1.14 -11.74
C ASP A 306 21.43 -0.42 -10.39
N LEU A 307 20.31 -0.64 -9.66
CA LEU A 307 20.03 0.02 -8.41
C LEU A 307 20.84 -0.53 -7.28
N ASP A 308 21.42 0.39 -6.47
CA ASP A 308 22.18 0.07 -5.28
C ASP A 308 21.18 -0.49 -4.23
N PRO A 309 21.34 -1.75 -3.79
CA PRO A 309 20.40 -2.30 -2.81
C PRO A 309 20.53 -1.65 -1.44
N GLN A 310 21.66 -0.99 -1.19
CA GLN A 310 21.98 -0.34 0.08
C GLN A 310 21.45 1.09 0.19
N ILE A 311 20.39 1.43 -0.55
CA ILE A 311 19.76 2.75 -0.44
C ILE A 311 18.92 2.87 0.84
#